data_6XBO
#
_entry.id   6XBO
#
_cell.length_a   144.260
_cell.length_b   49.400
_cell.length_c   49.830
_cell.angle_alpha   90.000
_cell.angle_beta   107.620
_cell.angle_gamma   90.000
#
_symmetry.space_group_name_H-M   'C 1 2 1'
#
loop_
_entity.id
_entity.type
_entity.pdbx_description
1 polymer 'CMP-sialic acid transporter'
2 non-polymer "5-METHYLCYTIDINE-5'-MONOPHOSPHATE"
3 non-polymer '(2R)-2,3-dihydroxypropyl (9Z)-octadec-9-enoate'
4 non-polymer 'NONAETHYLENE GLYCOL'
5 water water
#
_entity_poly.entity_id   1
_entity_poly.type   'polypeptide(L)'
_entity_poly.pdbx_seq_one_letter_code
;MAPARENVSLFFKLYCLTVMTLVAAAYTVALRYTRTTAEELYFSTTAVCITEVIKLLISVGLLAKETGSLGRFKASLSEN
VLGSPKELAKLSVPSLVYAVQNNMAFLALSNLDAAVYQVTYQLKIPCTALCTVLMLNRTLSKLQWISVFMLCGGVTLVQW
KPAQATKVVVAQNPLLGFGAIAIAVLCSGFAGVYFEKVLKSSDTSLWVRNIQMYLSGIVVTLAGTYLSDGAEIQEKGFFY
GYTYYVWFVIFLASVGGLYTSVVVKYTDNIMKGFSAAAAIVLSTIASVLLFGLQITLSFALGALLVCVSIYLYGLPRQDT
TSNSLEVLFQ
;
_entity_poly.pdbx_strand_id   A
#
loop_
_chem_comp.id
_chem_comp.type
_chem_comp.name
_chem_comp.formula
2PE non-polymer 'NONAETHYLENE GLYCOL' 'C18 H38 O10'
5MC RNA linking 5-METHYLCYTIDINE-5'-MONOPHOSPHATE 'C10 H16 N3 O8 P'
OLC non-polymer '(2R)-2,3-dihydroxypropyl (9Z)-octadec-9-enoate' 'C21 H40 O4'
#
# COMPACT_ATOMS: atom_id res chain seq x y z
N SER A 9 -1.33 22.60 -7.97
CA SER A 9 -0.48 21.46 -8.25
C SER A 9 0.48 21.20 -7.09
N LEU A 10 1.14 22.27 -6.61
CA LEU A 10 2.08 22.12 -5.51
C LEU A 10 1.38 21.61 -4.26
N PHE A 11 0.20 22.16 -3.94
CA PHE A 11 -0.49 21.77 -2.71
C PHE A 11 -0.95 20.32 -2.77
N PHE A 12 -1.43 19.87 -3.92
CA PHE A 12 -1.88 18.49 -4.05
C PHE A 12 -0.76 17.51 -3.71
N LYS A 13 0.47 17.80 -4.13
CA LYS A 13 1.59 16.93 -3.81
C LYS A 13 1.91 16.96 -2.32
N LEU A 14 1.76 18.12 -1.67
CA LEU A 14 2.01 18.20 -0.24
C LEU A 14 0.91 17.49 0.55
N TYR A 15 -0.34 17.60 0.08
CA TYR A 15 -1.44 16.95 0.77
C TYR A 15 -1.42 15.45 0.57
N CYS A 16 -0.98 14.98 -0.60
CA CYS A 16 -0.90 13.54 -0.82
C CYS A 16 0.18 12.89 0.04
N LEU A 17 1.30 13.57 0.28
CA LEU A 17 2.40 12.93 0.99
C LEU A 17 2.21 12.99 2.50
N THR A 18 1.75 14.13 3.03
CA THR A 18 1.48 14.19 4.47
C THR A 18 0.31 13.29 4.84
N VAL A 19 -0.67 13.14 3.95
CA VAL A 19 -1.72 12.15 4.19
C VAL A 19 -1.16 10.74 4.09
N MET A 20 -0.39 10.44 3.05
CA MET A 20 0.23 9.13 2.92
C MET A 20 1.07 8.81 4.16
N THR A 21 1.82 9.79 4.68
CA THR A 21 2.77 9.44 5.72
C THR A 21 2.10 9.27 7.08
N LEU A 22 1.12 10.12 7.40
CA LEU A 22 0.40 9.93 8.65
C LEU A 22 -0.44 8.66 8.60
N VAL A 23 -0.96 8.32 7.44
CA VAL A 23 -1.88 7.19 7.36
C VAL A 23 -1.11 5.88 7.48
N ALA A 24 0.00 5.75 6.74
CA ALA A 24 0.77 4.52 6.74
C ALA A 24 1.35 4.22 8.12
N ALA A 25 1.90 5.23 8.79
CA ALA A 25 2.38 5.09 10.16
C ALA A 25 1.27 4.62 11.10
N ALA A 26 0.19 5.41 11.19
CA ALA A 26 -0.90 5.09 12.09
C ALA A 26 -1.51 3.74 11.77
N TYR A 27 -1.49 3.34 10.51
CA TYR A 27 -2.19 2.13 10.09
C TYR A 27 -1.60 0.89 10.75
N THR A 28 -0.27 0.76 10.73
CA THR A 28 0.35 -0.48 11.22
C THR A 28 0.17 -0.63 12.72
N VAL A 29 0.38 0.46 13.47
N VAL A 29 0.41 0.44 13.49
CA VAL A 29 0.30 0.41 14.92
CA VAL A 29 0.29 0.33 14.94
C VAL A 29 -1.14 0.25 15.38
C VAL A 29 -1.17 0.18 15.35
N ALA A 30 -2.08 0.88 14.68
CA ALA A 30 -3.49 0.75 15.02
C ALA A 30 -3.99 -0.66 14.73
N LEU A 31 -3.60 -1.21 13.59
CA LEU A 31 -3.98 -2.58 13.25
C LEU A 31 -3.43 -3.57 14.28
N ARG A 32 -2.13 -3.46 14.60
CA ARG A 32 -1.54 -4.28 15.66
C ARG A 32 -2.34 -4.16 16.95
N TYR A 33 -2.70 -2.92 17.32
CA TYR A 33 -3.49 -2.70 18.53
C TYR A 33 -4.79 -3.49 18.49
N THR A 34 -5.55 -3.37 17.39
CA THR A 34 -6.85 -4.05 17.37
C THR A 34 -6.73 -5.56 17.40
N ARG A 35 -5.60 -6.11 16.96
CA ARG A 35 -5.43 -7.56 16.94
C ARG A 35 -4.96 -8.14 18.25
N THR A 36 -4.53 -7.31 19.22
CA THR A 36 -3.92 -7.85 20.42
C THR A 36 -4.64 -7.49 21.72
N THR A 37 -5.50 -6.48 21.71
CA THR A 37 -6.13 -6.03 22.94
C THR A 37 -7.60 -6.39 23.04
N ALA A 38 -8.19 -6.89 21.96
CA ALA A 38 -9.61 -7.21 21.98
C ALA A 38 -9.87 -8.49 22.75
N GLU A 39 -11.00 -8.52 23.47
CA GLU A 39 -11.56 -9.80 23.89
C GLU A 39 -12.27 -10.47 22.73
N GLU A 40 -13.33 -9.85 22.22
CA GLU A 40 -13.98 -10.29 20.99
C GLU A 40 -13.13 -9.82 19.80
N LEU A 41 -12.52 -10.76 19.09
CA LEU A 41 -11.62 -10.46 17.99
C LEU A 41 -12.38 -10.54 16.66
N TYR A 42 -12.39 -9.42 15.94
CA TYR A 42 -13.07 -9.35 14.65
C TYR A 42 -12.42 -10.25 13.60
N PHE A 43 -13.18 -10.53 12.56
CA PHE A 43 -12.69 -11.29 11.41
C PHE A 43 -11.94 -10.36 10.48
N SER A 44 -10.62 -10.54 10.39
CA SER A 44 -9.78 -9.73 9.51
C SER A 44 -10.29 -9.69 8.07
N THR A 45 -10.78 -10.82 7.56
CA THR A 45 -11.30 -10.86 6.19
C THR A 45 -12.37 -9.80 5.95
N THR A 46 -13.24 -9.55 6.94
CA THR A 46 -14.33 -8.61 6.74
C THR A 46 -13.81 -7.19 6.62
N ALA A 47 -12.79 -6.85 7.40
CA ALA A 47 -12.22 -5.50 7.34
C ALA A 47 -11.59 -5.22 5.98
N VAL A 48 -10.92 -6.22 5.41
CA VAL A 48 -10.32 -6.09 4.08
C VAL A 48 -11.41 -5.85 3.03
N CYS A 49 -12.51 -6.59 3.14
CA CYS A 49 -13.63 -6.43 2.22
C CYS A 49 -14.26 -5.04 2.31
N ILE A 50 -14.58 -4.59 3.54
CA ILE A 50 -15.18 -3.26 3.72
C ILE A 50 -14.25 -2.16 3.19
N THR A 51 -12.93 -2.35 3.30
CA THR A 51 -12.00 -1.38 2.73
C THR A 51 -12.21 -1.25 1.22
N GLU A 52 -12.35 -2.36 0.51
CA GLU A 52 -12.66 -2.27 -0.92
C GLU A 52 -13.97 -1.51 -1.19
N VAL A 53 -14.99 -1.70 -0.34
CA VAL A 53 -16.26 -1.00 -0.53
C VAL A 53 -16.06 0.51 -0.39
N ILE A 54 -15.36 0.94 0.66
CA ILE A 54 -15.15 2.36 0.90
C ILE A 54 -14.35 3.00 -0.23
N LYS A 55 -13.29 2.32 -0.69
CA LYS A 55 -12.49 2.84 -1.79
C LYS A 55 -13.31 2.96 -3.07
N LEU A 56 -14.18 1.97 -3.35
CA LEU A 56 -15.10 2.10 -4.49
C LEU A 56 -15.97 3.33 -4.35
N LEU A 57 -16.61 3.51 -3.19
CA LEU A 57 -17.50 4.64 -2.99
C LEU A 57 -16.76 5.98 -3.14
N ILE A 58 -15.57 6.12 -2.56
CA ILE A 58 -14.83 7.37 -2.72
C ILE A 58 -14.42 7.57 -4.17
N SER A 59 -13.97 6.50 -4.83
CA SER A 59 -13.56 6.61 -6.23
C SER A 59 -14.73 7.01 -7.13
N VAL A 60 -15.93 6.51 -6.83
CA VAL A 60 -17.11 6.90 -7.59
C VAL A 60 -17.36 8.40 -7.44
N GLY A 61 -17.32 8.90 -6.20
CA GLY A 61 -17.44 10.33 -6.00
C GLY A 61 -16.38 11.14 -6.72
N LEU A 62 -15.13 10.65 -6.70
CA LEU A 62 -14.07 11.37 -7.40
C LEU A 62 -14.27 11.35 -8.90
N LEU A 63 -14.85 10.28 -9.44
CA LEU A 63 -15.15 10.27 -10.87
C LEU A 63 -16.27 11.27 -11.20
N ALA A 64 -17.27 11.37 -10.34
CA ALA A 64 -18.33 12.35 -10.55
C ALA A 64 -17.76 13.76 -10.59
N LYS A 65 -16.91 14.11 -9.62
CA LYS A 65 -16.25 15.42 -9.63
C LYS A 65 -15.42 15.61 -10.89
N GLU A 66 -14.62 14.60 -11.26
CA GLU A 66 -13.75 14.73 -12.42
C GLU A 66 -14.54 14.91 -13.71
N THR A 67 -15.54 14.05 -13.94
CA THR A 67 -16.34 14.18 -15.15
C THR A 67 -17.11 15.50 -15.17
N GLY A 68 -17.46 16.03 -14.01
CA GLY A 68 -18.03 17.36 -13.91
C GLY A 68 -19.55 17.45 -14.00
N SER A 69 -20.25 16.37 -14.34
CA SER A 69 -21.70 16.44 -14.36
C SER A 69 -22.28 15.04 -14.28
N LEU A 70 -23.55 14.96 -13.84
CA LEU A 70 -24.23 13.67 -13.75
C LEU A 70 -24.27 12.97 -15.11
N GLY A 71 -24.53 13.71 -16.19
CA GLY A 71 -24.60 13.08 -17.51
C GLY A 71 -23.25 12.55 -17.97
N ARG A 72 -22.19 13.30 -17.74
CA ARG A 72 -20.86 12.83 -18.12
C ARG A 72 -20.40 11.71 -17.20
N PHE A 73 -20.79 11.79 -15.92
CA PHE A 73 -20.53 10.72 -14.95
C PHE A 73 -21.20 9.41 -15.38
N LYS A 74 -22.50 9.47 -15.68
CA LYS A 74 -23.19 8.27 -16.15
C LYS A 74 -22.59 7.73 -17.43
N ALA A 75 -22.22 8.63 -18.35
CA ALA A 75 -21.63 8.19 -19.61
C ALA A 75 -20.32 7.45 -19.38
N SER A 76 -19.46 7.98 -18.51
CA SER A 76 -18.18 7.33 -18.23
C SER A 76 -18.37 5.95 -17.59
N LEU A 77 -19.29 5.83 -16.63
CA LEU A 77 -19.58 4.53 -16.03
C LEU A 77 -20.06 3.53 -17.09
N SER A 78 -20.92 3.99 -18.00
CA SER A 78 -21.46 3.11 -19.03
C SER A 78 -20.37 2.61 -19.97
N GLU A 79 -19.55 3.54 -20.49
CA GLU A 79 -18.48 3.15 -21.41
C GLU A 79 -17.38 2.37 -20.70
N ASN A 80 -17.00 2.78 -19.49
CA ASN A 80 -15.81 2.22 -18.86
C ASN A 80 -16.08 1.06 -17.90
N VAL A 81 -17.32 0.84 -17.48
CA VAL A 81 -17.63 -0.35 -16.70
C VAL A 81 -18.49 -1.30 -17.53
N LEU A 82 -19.72 -0.88 -17.84
CA LEU A 82 -20.60 -1.73 -18.62
C LEU A 82 -19.99 -2.06 -19.97
N GLY A 83 -19.24 -1.11 -20.56
CA GLY A 83 -18.72 -1.29 -21.89
C GLY A 83 -17.29 -1.76 -21.99
N SER A 84 -16.63 -2.07 -20.87
CA SER A 84 -15.22 -2.46 -20.90
C SER A 84 -14.99 -3.72 -20.08
N PRO A 85 -15.64 -4.83 -20.45
CA PRO A 85 -15.44 -6.10 -19.70
C PRO A 85 -13.99 -6.58 -19.68
N LYS A 86 -13.22 -6.34 -20.76
CA LYS A 86 -11.84 -6.80 -20.75
C LYS A 86 -10.98 -6.04 -19.74
N GLU A 87 -11.26 -4.75 -19.52
CA GLU A 87 -10.57 -4.02 -18.47
C GLU A 87 -10.94 -4.57 -17.09
N LEU A 88 -12.22 -4.86 -16.87
CA LEU A 88 -12.62 -5.49 -15.61
C LEU A 88 -11.88 -6.81 -15.42
N ALA A 89 -11.79 -7.61 -16.48
CA ALA A 89 -11.11 -8.91 -16.38
C ALA A 89 -9.62 -8.72 -16.06
N LYS A 90 -8.95 -7.78 -16.76
CA LYS A 90 -7.53 -7.53 -16.51
C LYS A 90 -7.31 -7.13 -15.05
N LEU A 91 -8.07 -6.17 -14.56
CA LEU A 91 -7.81 -5.68 -13.21
C LEU A 91 -8.28 -6.66 -12.13
N SER A 92 -8.96 -7.76 -12.49
N SER A 92 -8.96 -7.76 -12.49
CA SER A 92 -9.26 -8.77 -11.49
CA SER A 92 -9.27 -8.78 -11.50
C SER A 92 -8.00 -9.44 -10.97
C SER A 92 -8.00 -9.43 -10.96
N VAL A 93 -6.92 -9.44 -11.75
CA VAL A 93 -5.66 -10.06 -11.31
C VAL A 93 -5.07 -9.30 -10.11
N PRO A 94 -4.84 -7.98 -10.17
CA PRO A 94 -4.37 -7.29 -8.96
C PRO A 94 -5.39 -7.32 -7.84
N SER A 95 -6.69 -7.39 -8.13
CA SER A 95 -7.67 -7.53 -7.05
C SER A 95 -7.48 -8.85 -6.32
N LEU A 96 -7.24 -9.93 -7.05
CA LEU A 96 -6.97 -11.20 -6.39
C LEU A 96 -5.69 -11.11 -5.56
N VAL A 97 -4.64 -10.57 -6.17
CA VAL A 97 -3.35 -10.48 -5.50
C VAL A 97 -3.43 -9.55 -4.29
N TYR A 98 -4.10 -8.39 -4.45
CA TYR A 98 -4.24 -7.48 -3.31
C TYR A 98 -5.11 -8.08 -2.21
N ALA A 99 -6.17 -8.81 -2.57
CA ALA A 99 -6.98 -9.44 -1.54
C ALA A 99 -6.11 -10.33 -0.66
N VAL A 100 -5.16 -11.03 -1.27
CA VAL A 100 -4.25 -11.86 -0.49
C VAL A 100 -3.31 -10.96 0.31
N GLN A 101 -2.72 -9.95 -0.33
CA GLN A 101 -1.78 -9.05 0.36
C GLN A 101 -2.41 -8.42 1.60
N ASN A 102 -3.57 -7.78 1.44
CA ASN A 102 -4.17 -7.07 2.55
C ASN A 102 -4.60 -8.04 3.65
N ASN A 103 -5.08 -9.23 3.28
CA ASN A 103 -5.35 -10.22 4.32
C ASN A 103 -4.08 -10.69 5.01
N MET A 104 -2.95 -10.78 4.29
CA MET A 104 -1.69 -11.16 4.92
C MET A 104 -1.19 -10.10 5.89
N ALA A 105 -1.44 -8.81 5.61
CA ALA A 105 -1.06 -7.76 6.55
C ALA A 105 -1.74 -7.96 7.89
N PHE A 106 -3.05 -8.24 7.89
CA PHE A 106 -3.74 -8.50 9.14
C PHE A 106 -3.22 -9.75 9.82
N LEU A 107 -2.99 -10.82 9.04
CA LEU A 107 -2.45 -12.05 9.62
C LEU A 107 -1.09 -11.81 10.25
N ALA A 108 -0.20 -11.07 9.57
CA ALA A 108 1.14 -10.83 10.11
C ALA A 108 1.10 -10.00 11.39
N LEU A 109 0.34 -8.90 11.39
CA LEU A 109 0.26 -8.04 12.57
C LEU A 109 -0.54 -8.67 13.69
N SER A 110 -1.32 -9.72 13.41
CA SER A 110 -1.91 -10.52 14.47
C SER A 110 -0.87 -11.33 15.21
N ASN A 111 0.31 -11.53 14.60
CA ASN A 111 1.30 -12.47 15.12
C ASN A 111 2.69 -11.87 15.35
N LEU A 112 2.94 -10.65 14.89
CA LEU A 112 4.24 -10.02 15.05
C LEU A 112 4.08 -8.57 15.51
N ASP A 113 5.07 -8.12 16.28
CA ASP A 113 5.22 -6.72 16.64
C ASP A 113 5.19 -5.83 15.41
N ALA A 114 4.63 -4.62 15.56
CA ALA A 114 4.51 -3.73 14.41
C ALA A 114 5.86 -3.38 13.82
N ALA A 115 6.86 -3.13 14.68
CA ALA A 115 8.18 -2.77 14.16
C ALA A 115 8.85 -3.95 13.46
N VAL A 116 8.61 -5.17 13.96
CA VAL A 116 9.12 -6.36 13.26
C VAL A 116 8.46 -6.48 11.90
N TYR A 117 7.13 -6.28 11.84
CA TYR A 117 6.43 -6.23 10.56
C TYR A 117 7.00 -5.16 9.64
N GLN A 118 7.12 -3.92 10.15
CA GLN A 118 7.56 -2.81 9.31
C GLN A 118 8.94 -3.04 8.70
N VAL A 119 9.89 -3.57 9.48
CA VAL A 119 11.25 -3.78 8.96
C VAL A 119 11.24 -4.86 7.87
N THR A 120 10.62 -6.00 8.16
CA THR A 120 10.60 -7.12 7.22
C THR A 120 9.88 -6.76 5.93
N TYR A 121 8.73 -6.07 6.05
CA TYR A 121 7.92 -5.76 4.88
C TYR A 121 8.62 -4.79 3.94
N GLN A 122 9.70 -4.14 4.37
CA GLN A 122 10.47 -3.26 3.49
C GLN A 122 11.13 -4.02 2.35
N LEU A 123 11.24 -5.34 2.44
CA LEU A 123 11.69 -6.12 1.30
C LEU A 123 10.79 -5.91 0.06
N LYS A 124 9.65 -5.26 0.21
CA LYS A 124 8.86 -4.95 -0.97
C LYS A 124 9.57 -3.98 -1.90
N ILE A 125 10.56 -3.24 -1.40
CA ILE A 125 11.23 -2.22 -2.21
C ILE A 125 12.03 -2.88 -3.34
N PRO A 126 12.96 -3.79 -3.06
CA PRO A 126 13.67 -4.44 -4.19
C PRO A 126 12.75 -5.33 -5.02
N CYS A 127 11.75 -5.97 -4.38
N CYS A 127 11.73 -5.94 -4.41
CA CYS A 127 10.76 -6.73 -5.14
CA CYS A 127 10.79 -6.74 -5.19
C CYS A 127 10.08 -5.86 -6.18
C CYS A 127 10.02 -5.88 -6.17
N THR A 128 9.63 -4.66 -5.75
CA THR A 128 8.88 -3.79 -6.64
C THR A 128 9.76 -3.26 -7.78
N ALA A 129 11.03 -3.00 -7.50
CA ALA A 129 11.96 -2.60 -8.54
C ALA A 129 12.13 -3.71 -9.58
N LEU A 130 12.27 -4.95 -9.14
CA LEU A 130 12.37 -6.07 -10.07
C LEU A 130 11.09 -6.26 -10.88
N CYS A 131 9.93 -6.19 -10.22
CA CYS A 131 8.68 -6.28 -10.98
C CYS A 131 8.60 -5.19 -12.03
N THR A 132 9.03 -3.98 -11.66
CA THR A 132 8.98 -2.85 -12.60
C THR A 132 9.80 -3.14 -13.85
N VAL A 133 11.03 -3.65 -13.69
CA VAL A 133 11.84 -3.84 -14.90
C VAL A 133 11.31 -5.01 -15.72
N LEU A 134 10.77 -6.04 -15.06
CA LEU A 134 10.31 -7.20 -15.80
C LEU A 134 8.96 -6.94 -16.48
N MET A 135 8.09 -6.14 -15.88
CA MET A 135 6.74 -5.98 -16.41
C MET A 135 6.52 -4.71 -17.19
N LEU A 136 7.27 -3.65 -16.91
CA LEU A 136 7.03 -2.36 -17.55
C LEU A 136 8.04 -2.01 -18.64
N ASN A 137 8.90 -2.96 -19.04
CA ASN A 137 9.89 -2.69 -20.10
C ASN A 137 10.79 -1.52 -19.73
N ARG A 138 11.26 -1.52 -18.48
CA ARG A 138 12.14 -0.47 -17.98
C ARG A 138 13.48 -1.07 -17.56
N THR A 139 14.47 -0.21 -17.41
N THR A 139 14.46 -0.21 -17.38
CA THR A 139 15.80 -0.62 -16.98
CA THR A 139 15.76 -0.62 -16.89
C THR A 139 16.27 0.30 -15.87
C THR A 139 16.17 0.26 -15.72
N LEU A 140 17.03 -0.26 -14.94
N LEU A 140 17.03 -0.29 -14.87
CA LEU A 140 17.71 0.50 -13.91
CA LEU A 140 17.72 0.49 -13.85
C LEU A 140 19.21 0.34 -14.11
C LEU A 140 19.22 0.34 -14.10
N SER A 141 19.93 1.45 -14.06
CA SER A 141 21.38 1.39 -14.13
C SER A 141 21.92 0.63 -12.91
N LYS A 142 23.20 0.25 -12.98
CA LYS A 142 23.83 -0.37 -11.82
C LYS A 142 23.79 0.56 -10.61
N LEU A 143 23.97 1.86 -10.83
CA LEU A 143 23.91 2.80 -9.73
C LEU A 143 22.48 2.91 -9.18
N GLN A 144 21.48 2.87 -10.06
CA GLN A 144 20.10 2.89 -9.61
C GLN A 144 19.77 1.67 -8.76
N TRP A 145 20.25 0.48 -9.16
CA TRP A 145 20.04 -0.71 -8.35
C TRP A 145 20.70 -0.58 -6.98
N ILE A 146 21.93 -0.06 -6.94
CA ILE A 146 22.58 0.25 -5.66
C ILE A 146 21.69 1.14 -4.81
N SER A 147 21.10 2.18 -5.43
CA SER A 147 20.27 3.12 -4.69
C SER A 147 19.02 2.43 -4.17
N VAL A 148 18.50 1.44 -4.90
CA VAL A 148 17.31 0.73 -4.45
C VAL A 148 17.62 -0.11 -3.20
N PHE A 149 18.76 -0.80 -3.19
CA PHE A 149 19.12 -1.52 -1.97
C PHE A 149 19.55 -0.57 -0.87
N MET A 150 20.20 0.54 -1.22
CA MET A 150 20.51 1.54 -0.19
C MET A 150 19.23 2.04 0.46
N LEU A 151 18.20 2.34 -0.35
CA LEU A 151 16.93 2.79 0.20
C LEU A 151 16.35 1.75 1.15
N CYS A 152 16.41 0.48 0.77
CA CYS A 152 15.83 -0.59 1.56
C CYS A 152 16.51 -0.69 2.93
N GLY A 153 17.84 -0.62 2.94
CA GLY A 153 18.55 -0.57 4.22
C GLY A 153 18.23 0.67 5.03
N GLY A 154 18.09 1.82 4.35
CA GLY A 154 17.77 3.04 5.06
C GLY A 154 16.43 2.97 5.77
N VAL A 155 15.39 2.52 5.06
CA VAL A 155 14.07 2.44 5.68
C VAL A 155 14.04 1.34 6.73
N THR A 156 14.81 0.26 6.53
CA THR A 156 14.97 -0.74 7.58
C THR A 156 15.49 -0.11 8.87
N LEU A 157 16.53 0.71 8.76
CA LEU A 157 17.05 1.39 9.94
C LEU A 157 16.05 2.41 10.49
N VAL A 158 15.32 3.09 9.59
CA VAL A 158 14.32 4.05 10.03
C VAL A 158 13.23 3.38 10.84
N GLN A 159 12.87 2.15 10.49
CA GLN A 159 11.77 1.45 11.12
C GLN A 159 12.19 0.56 12.29
N TRP A 160 13.49 0.34 12.49
CA TRP A 160 13.97 -0.58 13.53
C TRP A 160 13.69 0.01 14.91
N LYS A 161 12.84 -0.67 15.66
CA LYS A 161 12.42 -0.26 16.99
C LYS A 161 12.68 -1.38 17.98
N PRO A 162 12.92 -1.06 19.25
CA PRO A 162 12.83 -2.09 20.29
C PRO A 162 11.41 -2.65 20.35
N ALA A 163 11.31 -3.92 20.71
CA ALA A 163 10.00 -4.56 20.79
C ALA A 163 9.12 -3.87 21.84
N GLN A 164 7.81 -3.92 21.60
CA GLN A 164 6.86 -3.27 22.50
C GLN A 164 6.95 -3.87 23.90
N ALA A 165 6.84 -3.00 24.91
CA ALA A 165 6.92 -3.43 26.30
C ALA A 165 5.63 -4.05 26.80
N THR A 166 4.48 -3.68 26.23
CA THR A 166 3.21 -4.27 26.65
C THR A 166 3.24 -5.77 26.44
N LYS A 167 2.83 -6.52 27.46
CA LYS A 167 2.74 -7.97 27.34
C LYS A 167 1.52 -8.32 26.50
N VAL A 168 1.69 -9.22 25.54
CA VAL A 168 0.58 -9.63 24.70
C VAL A 168 -0.20 -10.71 25.43
N VAL A 169 -1.54 -10.59 25.41
CA VAL A 169 -2.41 -11.49 26.15
C VAL A 169 -3.12 -12.48 25.24
N VAL A 170 -2.80 -12.50 23.96
CA VAL A 170 -3.37 -13.46 23.02
C VAL A 170 -2.23 -14.34 22.52
N ALA A 171 -2.59 -15.51 22.01
CA ALA A 171 -1.59 -16.38 21.42
C ALA A 171 -0.99 -15.75 20.17
N GLN A 172 0.30 -16.02 19.93
CA GLN A 172 0.97 -15.54 18.73
C GLN A 172 1.81 -16.64 18.10
N ASN A 173 1.90 -16.57 16.77
CA ASN A 173 2.66 -17.52 15.97
C ASN A 173 3.54 -16.68 15.05
N PRO A 174 4.70 -16.23 15.55
CA PRO A 174 5.54 -15.33 14.74
C PRO A 174 5.96 -15.92 13.41
N LEU A 175 6.20 -17.22 13.36
CA LEU A 175 6.58 -17.88 12.10
C LEU A 175 5.46 -17.78 11.07
N LEU A 176 4.21 -18.01 11.50
CA LEU A 176 3.09 -17.75 10.61
C LEU A 176 3.09 -16.29 10.16
N GLY A 177 3.40 -15.37 11.07
CA GLY A 177 3.49 -13.96 10.69
C GLY A 177 4.55 -13.68 9.64
N PHE A 178 5.72 -14.31 9.76
CA PHE A 178 6.78 -14.10 8.77
C PHE A 178 6.38 -14.69 7.43
N GLY A 179 5.73 -15.86 7.43
CA GLY A 179 5.23 -16.41 6.17
C GLY A 179 4.22 -15.48 5.51
N ALA A 180 3.36 -14.85 6.32
CA ALA A 180 2.40 -13.89 5.80
C ALA A 180 3.09 -12.71 5.13
N ILE A 181 4.14 -12.18 5.77
CA ILE A 181 4.85 -11.03 5.20
C ILE A 181 5.53 -11.41 3.90
N ALA A 182 6.14 -12.59 3.85
CA ALA A 182 6.79 -13.05 2.62
C ALA A 182 5.82 -13.05 1.46
N ILE A 183 4.58 -13.51 1.70
CA ILE A 183 3.55 -13.48 0.67
C ILE A 183 3.19 -12.04 0.31
N ALA A 184 2.95 -11.20 1.33
CA ALA A 184 2.59 -9.81 1.09
C ALA A 184 3.67 -9.07 0.29
N VAL A 185 4.95 -9.33 0.59
CA VAL A 185 6.03 -8.67 -0.14
C VAL A 185 5.95 -8.99 -1.64
N LEU A 186 5.79 -10.27 -1.97
CA LEU A 186 5.64 -10.66 -3.37
C LEU A 186 4.40 -10.03 -3.99
N CYS A 187 3.29 -10.00 -3.25
CA CYS A 187 2.06 -9.41 -3.79
C CYS A 187 2.25 -7.93 -4.06
N SER A 188 2.89 -7.21 -3.14
CA SER A 188 3.01 -5.77 -3.23
C SER A 188 3.65 -5.34 -4.54
N GLY A 189 4.77 -5.96 -4.91
CA GLY A 189 5.42 -5.61 -6.16
C GLY A 189 4.60 -5.99 -7.38
N PHE A 190 4.02 -7.20 -7.39
CA PHE A 190 3.35 -7.67 -8.59
C PHE A 190 2.05 -6.90 -8.85
N ALA A 191 1.21 -6.77 -7.81
CA ALA A 191 -0.09 -6.13 -8.02
C ALA A 191 0.07 -4.64 -8.29
N GLY A 192 0.96 -3.97 -7.57
CA GLY A 192 1.16 -2.55 -7.80
C GLY A 192 1.64 -2.26 -9.21
N VAL A 193 2.62 -3.03 -9.69
CA VAL A 193 3.15 -2.82 -11.04
C VAL A 193 2.13 -3.25 -12.09
N TYR A 194 1.36 -4.29 -11.81
CA TYR A 194 0.33 -4.69 -12.75
C TYR A 194 -0.69 -3.56 -12.91
N PHE A 195 -1.15 -2.99 -11.81
CA PHE A 195 -2.07 -1.86 -11.88
C PHE A 195 -1.46 -0.72 -12.68
N GLU A 196 -0.19 -0.41 -12.40
CA GLU A 196 0.49 0.66 -13.12
C GLU A 196 0.52 0.41 -14.63
N LYS A 197 0.81 -0.82 -15.04
CA LYS A 197 0.83 -1.14 -16.47
C LYS A 197 -0.52 -0.87 -17.13
N VAL A 198 -1.61 -1.30 -16.49
CA VAL A 198 -2.94 -1.02 -17.02
C VAL A 198 -3.18 0.49 -17.06
N LEU A 199 -2.92 1.16 -15.94
CA LEU A 199 -3.19 2.61 -15.88
C LEU A 199 -2.48 3.36 -17.00
N LYS A 200 -1.20 3.09 -17.20
CA LYS A 200 -0.45 3.90 -18.13
C LYS A 200 -0.55 3.39 -19.57
N SER A 201 -1.41 2.40 -19.81
CA SER A 201 -1.61 1.90 -21.16
C SER A 201 -2.63 2.71 -21.95
N SER A 202 -3.29 3.67 -21.33
CA SER A 202 -4.31 4.47 -22.01
C SER A 202 -4.50 5.78 -21.24
N ASP A 203 -5.34 6.64 -21.80
CA ASP A 203 -5.68 7.90 -21.15
C ASP A 203 -6.88 7.79 -20.24
N THR A 204 -7.43 6.59 -20.08
CA THR A 204 -8.54 6.35 -19.16
C THR A 204 -8.21 6.86 -17.75
N SER A 205 -9.20 7.53 -17.15
CA SER A 205 -9.08 8.17 -15.84
C SER A 205 -8.57 7.21 -14.77
N LEU A 206 -7.69 7.73 -13.91
CA LEU A 206 -7.28 7.00 -12.70
C LEU A 206 -8.48 6.51 -11.92
N TRP A 207 -9.53 7.34 -11.79
CA TRP A 207 -10.66 6.93 -10.97
C TRP A 207 -11.49 5.86 -11.65
N VAL A 208 -11.50 5.83 -12.98
CA VAL A 208 -12.13 4.71 -13.68
C VAL A 208 -11.37 3.42 -13.40
N ARG A 209 -10.04 3.47 -13.49
CA ARG A 209 -9.24 2.27 -13.25
C ARG A 209 -9.44 1.75 -11.82
N ASN A 210 -9.47 2.65 -10.85
CA ASN A 210 -9.71 2.25 -9.46
C ASN A 210 -11.09 1.60 -9.31
N ILE A 211 -12.12 2.20 -9.91
CA ILE A 211 -13.46 1.61 -9.87
C ILE A 211 -13.45 0.23 -10.53
N GLN A 212 -12.84 0.12 -11.71
CA GLN A 212 -12.74 -1.17 -12.39
C GLN A 212 -12.13 -2.23 -11.47
N MET A 213 -11.07 -1.88 -10.74
CA MET A 213 -10.40 -2.84 -9.88
C MET A 213 -11.20 -3.11 -8.61
N TYR A 214 -11.70 -2.05 -7.94
CA TYR A 214 -12.39 -2.30 -6.67
C TYR A 214 -13.67 -3.09 -6.87
N LEU A 215 -14.29 -3.00 -8.06
CA LEU A 215 -15.47 -3.84 -8.33
C LEU A 215 -15.15 -5.32 -8.17
N SER A 216 -14.09 -5.81 -8.83
CA SER A 216 -13.69 -7.21 -8.60
C SER A 216 -13.12 -7.40 -7.20
N GLY A 217 -12.45 -6.38 -6.66
CA GLY A 217 -11.92 -6.51 -5.30
C GLY A 217 -12.99 -6.82 -4.26
N ILE A 218 -14.14 -6.16 -4.36
CA ILE A 218 -15.23 -6.44 -3.42
C ILE A 218 -15.69 -7.88 -3.55
N VAL A 219 -15.78 -8.38 -4.79
CA VAL A 219 -16.24 -9.74 -5.00
C VAL A 219 -15.26 -10.74 -4.42
N VAL A 220 -13.97 -10.58 -4.76
CA VAL A 220 -12.95 -11.53 -4.29
C VAL A 220 -12.82 -11.49 -2.77
N THR A 221 -12.80 -10.29 -2.17
CA THR A 221 -12.60 -10.20 -0.72
C THR A 221 -13.79 -10.77 0.04
N LEU A 222 -15.01 -10.54 -0.47
CA LEU A 222 -16.18 -11.13 0.18
C LEU A 222 -16.18 -12.64 0.04
N ALA A 223 -15.86 -13.14 -1.15
CA ALA A 223 -15.75 -14.58 -1.35
C ALA A 223 -14.73 -15.18 -0.40
N GLY A 224 -13.58 -14.51 -0.22
CA GLY A 224 -12.59 -14.99 0.71
C GLY A 224 -13.06 -14.94 2.15
N THR A 225 -13.80 -13.90 2.52
CA THR A 225 -14.44 -13.85 3.82
C THR A 225 -15.35 -15.06 4.03
N TYR A 226 -16.13 -15.40 3.01
CA TYR A 226 -17.05 -16.53 3.08
C TYR A 226 -16.31 -17.85 3.24
N LEU A 227 -15.26 -18.05 2.45
CA LEU A 227 -14.55 -19.33 2.46
C LEU A 227 -13.70 -19.50 3.70
N SER A 228 -13.13 -18.41 4.23
N SER A 228 -13.13 -18.41 4.22
CA SER A 228 -12.27 -18.53 5.40
CA SER A 228 -12.27 -18.51 5.39
C SER A 228 -13.06 -18.55 6.69
C SER A 228 -13.06 -18.54 6.69
N ASP A 229 -14.12 -17.72 6.79
CA ASP A 229 -14.79 -17.47 8.05
C ASP A 229 -16.31 -17.58 7.98
N GLY A 230 -16.85 -18.16 6.91
CA GLY A 230 -18.30 -18.15 6.74
C GLY A 230 -19.04 -18.79 7.90
N ALA A 231 -18.55 -19.94 8.36
CA ALA A 231 -19.23 -20.68 9.41
C ALA A 231 -19.23 -19.89 10.72
N GLU A 232 -18.06 -19.39 11.11
CA GLU A 232 -17.99 -18.62 12.35
C GLU A 232 -18.72 -17.29 12.23
N ILE A 233 -18.83 -16.73 11.02
CA ILE A 233 -19.54 -15.48 10.84
C ILE A 233 -21.05 -15.69 10.96
N GLN A 234 -21.56 -16.80 10.42
CA GLN A 234 -22.97 -17.10 10.63
C GLN A 234 -23.28 -17.20 12.12
N GLU A 235 -22.33 -17.70 12.92
CA GLU A 235 -22.52 -17.76 14.37
C GLU A 235 -22.37 -16.39 15.03
N LYS A 236 -21.27 -15.69 14.77
CA LYS A 236 -20.94 -14.50 15.55
C LYS A 236 -21.38 -13.19 14.91
N GLY A 237 -21.59 -13.16 13.60
CA GLY A 237 -21.95 -11.94 12.92
C GLY A 237 -20.77 -11.37 12.16
N PHE A 238 -21.06 -10.77 11.00
CA PHE A 238 -20.03 -10.21 10.13
C PHE A 238 -19.22 -9.14 10.86
N PHE A 239 -19.89 -8.30 11.65
CA PHE A 239 -19.23 -7.19 12.34
C PHE A 239 -18.90 -7.52 13.80
N TYR A 240 -18.83 -8.80 14.13
CA TYR A 240 -18.37 -9.24 15.44
C TYR A 240 -17.03 -8.60 15.78
N GLY A 241 -16.95 -8.05 16.98
CA GLY A 241 -15.68 -7.49 17.43
C GLY A 241 -15.35 -6.12 16.88
N TYR A 242 -16.21 -5.53 16.05
CA TYR A 242 -15.89 -4.21 15.53
C TYR A 242 -15.98 -3.16 16.65
N THR A 243 -15.00 -2.27 16.66
CA THR A 243 -14.88 -1.16 17.58
C THR A 243 -14.55 0.09 16.77
N TYR A 244 -14.55 1.24 17.46
CA TYR A 244 -14.11 2.47 16.83
C TYR A 244 -12.74 2.32 16.18
N TYR A 245 -11.83 1.56 16.83
CA TYR A 245 -10.49 1.37 16.29
C TYR A 245 -10.47 0.48 15.05
N VAL A 246 -11.35 -0.51 14.99
CA VAL A 246 -11.44 -1.31 13.77
C VAL A 246 -11.85 -0.43 12.60
N TRP A 247 -12.83 0.45 12.82
CA TRP A 247 -13.23 1.37 11.75
C TRP A 247 -12.09 2.32 11.41
N PHE A 248 -11.33 2.75 12.41
CA PHE A 248 -10.18 3.61 12.15
C PHE A 248 -9.18 2.93 11.22
N VAL A 249 -8.92 1.64 11.46
CA VAL A 249 -8.02 0.89 10.59
C VAL A 249 -8.56 0.82 9.17
N ILE A 250 -9.86 0.52 9.04
CA ILE A 250 -10.47 0.43 7.71
C ILE A 250 -10.38 1.76 6.98
N PHE A 251 -10.67 2.85 7.68
CA PHE A 251 -10.54 4.18 7.08
C PHE A 251 -9.09 4.44 6.63
N LEU A 252 -8.12 4.13 7.49
CA LEU A 252 -6.71 4.36 7.13
C LEU A 252 -6.31 3.52 5.92
N ALA A 253 -6.75 2.25 5.87
CA ALA A 253 -6.43 1.41 4.72
C ALA A 253 -7.08 1.92 3.45
N SER A 254 -8.27 2.49 3.57
CA SER A 254 -8.98 3.04 2.41
C SER A 254 -8.25 4.24 1.84
N VAL A 255 -7.97 5.23 2.70
CA VAL A 255 -7.25 6.43 2.27
C VAL A 255 -5.87 6.05 1.73
N GLY A 256 -5.17 5.17 2.44
CA GLY A 256 -3.84 4.77 1.99
C GLY A 256 -3.85 4.14 0.61
N GLY A 257 -4.84 3.27 0.34
CA GLY A 257 -4.95 2.67 -0.98
C GLY A 257 -5.21 3.68 -2.07
N LEU A 258 -6.12 4.62 -1.82
CA LEU A 258 -6.43 5.65 -2.82
C LEU A 258 -5.22 6.53 -3.11
N TYR A 259 -4.50 6.93 -2.07
CA TYR A 259 -3.35 7.78 -2.29
C TYR A 259 -2.20 7.01 -2.93
N THR A 260 -2.10 5.70 -2.64
CA THR A 260 -1.15 4.87 -3.37
C THR A 260 -1.38 4.94 -4.87
N SER A 261 -2.65 4.89 -5.29
CA SER A 261 -2.95 4.91 -6.72
C SER A 261 -2.58 6.26 -7.33
N VAL A 262 -2.79 7.34 -6.58
CA VAL A 262 -2.38 8.68 -7.03
C VAL A 262 -0.86 8.75 -7.21
N VAL A 263 -0.10 8.28 -6.21
CA VAL A 263 1.36 8.34 -6.29
C VAL A 263 1.87 7.52 -7.48
N VAL A 264 1.25 6.36 -7.73
CA VAL A 264 1.63 5.54 -8.88
C VAL A 264 1.33 6.27 -10.19
N LYS A 265 0.22 7.01 -10.24
CA LYS A 265 -0.10 7.77 -11.45
C LYS A 265 0.92 8.87 -11.71
N TYR A 266 1.19 9.72 -10.72
CA TYR A 266 2.04 10.88 -10.99
C TYR A 266 3.52 10.57 -10.92
N THR A 267 3.92 9.45 -10.33
CA THR A 267 5.31 9.02 -10.40
C THR A 267 5.37 7.58 -10.92
N ASP A 268 5.76 6.62 -10.08
CA ASP A 268 5.69 5.20 -10.46
C ASP A 268 5.85 4.38 -9.18
N ASN A 269 5.88 3.04 -9.34
CA ASN A 269 5.96 2.19 -8.16
C ASN A 269 7.32 2.20 -7.48
N ILE A 270 8.39 2.50 -8.23
CA ILE A 270 9.70 2.65 -7.59
C ILE A 270 9.78 3.97 -6.84
N MET A 271 9.39 5.06 -7.49
N MET A 271 9.39 5.06 -7.49
CA MET A 271 9.36 6.36 -6.83
CA MET A 271 9.37 6.36 -6.84
C MET A 271 8.48 6.36 -5.60
C MET A 271 8.47 6.37 -5.60
N LYS A 272 7.41 5.55 -5.61
CA LYS A 272 6.55 5.41 -4.43
C LYS A 272 7.38 5.04 -3.20
N GLY A 273 8.33 4.12 -3.35
CA GLY A 273 9.15 3.72 -2.22
C GLY A 273 10.10 4.81 -1.76
N PHE A 274 10.71 5.54 -2.70
CA PHE A 274 11.57 6.67 -2.34
C PHE A 274 10.78 7.79 -1.69
N SER A 275 9.61 8.11 -2.25
N SER A 275 9.61 8.12 -2.27
CA SER A 275 8.83 9.23 -1.74
CA SER A 275 8.79 9.22 -1.77
C SER A 275 8.26 8.94 -0.37
C SER A 275 8.25 8.93 -0.38
N ALA A 276 7.83 7.70 -0.13
CA ALA A 276 7.33 7.33 1.19
C ALA A 276 8.45 7.40 2.24
N ALA A 277 9.66 6.97 1.87
CA ALA A 277 10.77 7.06 2.81
C ALA A 277 11.11 8.52 3.11
N ALA A 278 11.16 9.36 2.08
CA ALA A 278 11.42 10.78 2.31
C ALA A 278 10.37 11.38 3.23
N ALA A 279 9.10 11.02 3.03
CA ALA A 279 8.02 11.56 3.85
C ALA A 279 8.13 11.11 5.30
N ILE A 280 8.48 9.84 5.52
CA ILE A 280 8.63 9.37 6.90
C ILE A 280 9.77 10.10 7.58
N VAL A 281 10.89 10.28 6.88
CA VAL A 281 12.04 10.96 7.45
C VAL A 281 11.69 12.41 7.77
N LEU A 282 11.09 13.11 6.81
CA LEU A 282 10.81 14.52 6.99
C LEU A 282 9.73 14.74 8.05
N SER A 283 8.68 13.92 8.05
N SER A 283 8.68 13.94 8.04
CA SER A 283 7.66 14.09 9.08
CA SER A 283 7.65 14.04 9.07
C SER A 283 8.20 13.75 10.47
C SER A 283 8.24 13.79 10.45
N THR A 284 9.14 12.81 10.56
CA THR A 284 9.76 12.51 11.85
C THR A 284 10.64 13.67 12.30
N ILE A 285 11.44 14.23 11.39
CA ILE A 285 12.25 15.39 11.74
C ILE A 285 11.36 16.56 12.14
N ALA A 286 10.24 16.75 11.44
CA ALA A 286 9.32 17.82 11.83
C ALA A 286 8.82 17.63 13.26
N SER A 287 8.51 16.38 13.63
CA SER A 287 7.98 16.11 14.96
C SER A 287 9.04 16.27 16.04
N VAL A 288 10.31 16.02 15.72
CA VAL A 288 11.40 16.36 16.64
C VAL A 288 11.39 17.86 16.91
N LEU A 289 11.36 18.65 15.84
CA LEU A 289 11.46 20.11 15.96
C LEU A 289 10.20 20.71 16.57
N LEU A 290 9.03 20.17 16.22
CA LEU A 290 7.80 20.77 16.72
C LEU A 290 7.45 20.27 18.11
N PHE A 291 7.70 18.98 18.39
CA PHE A 291 7.15 18.35 19.58
C PHE A 291 8.22 17.72 20.46
N GLY A 292 9.50 17.86 20.15
CA GLY A 292 10.51 17.21 20.96
C GLY A 292 10.41 15.69 20.95
N LEU A 293 9.87 15.12 19.88
CA LEU A 293 9.89 13.66 19.72
C LEU A 293 11.33 13.17 19.76
N GLN A 294 11.56 12.04 20.43
CA GLN A 294 12.89 11.47 20.51
C GLN A 294 13.08 10.43 19.41
N ILE A 295 14.28 10.41 18.84
CA ILE A 295 14.61 9.49 17.76
C ILE A 295 15.75 8.58 18.20
N THR A 296 16.02 7.55 17.40
CA THR A 296 17.09 6.62 17.66
C THR A 296 18.29 6.90 16.75
N LEU A 297 19.45 6.38 17.16
CA LEU A 297 20.60 6.40 16.26
C LEU A 297 20.30 5.64 14.97
N SER A 298 19.51 4.57 15.05
N SER A 298 19.51 4.58 15.06
CA SER A 298 19.12 3.84 13.85
CA SER A 298 19.11 3.83 13.87
C SER A 298 18.39 4.76 12.87
C SER A 298 18.37 4.74 12.88
N PHE A 299 17.42 5.53 13.38
CA PHE A 299 16.69 6.45 12.51
C PHE A 299 17.63 7.46 11.86
N ALA A 300 18.53 8.05 12.66
CA ALA A 300 19.43 9.08 12.13
C ALA A 300 20.26 8.55 10.97
N LEU A 301 20.85 7.36 11.14
CA LEU A 301 21.66 6.78 10.06
C LEU A 301 20.78 6.38 8.89
N GLY A 302 19.62 5.78 9.16
CA GLY A 302 18.71 5.43 8.08
C GLY A 302 18.26 6.65 7.29
N ALA A 303 18.01 7.76 7.99
CA ALA A 303 17.63 8.99 7.30
C ALA A 303 18.72 9.42 6.31
N LEU A 304 19.99 9.36 6.71
CA LEU A 304 21.06 9.72 5.79
C LEU A 304 21.12 8.78 4.59
N LEU A 305 20.94 7.47 4.82
CA LEU A 305 20.95 6.54 3.70
C LEU A 305 19.77 6.78 2.76
N VAL A 306 18.59 7.11 3.32
CA VAL A 306 17.45 7.46 2.49
C VAL A 306 17.78 8.67 1.62
N CYS A 307 18.44 9.66 2.24
CA CYS A 307 18.79 10.87 1.49
C CYS A 307 19.79 10.58 0.38
N VAL A 308 20.85 9.82 0.69
CA VAL A 308 21.83 9.47 -0.33
C VAL A 308 21.18 8.64 -1.44
N SER A 309 20.32 7.67 -1.07
CA SER A 309 19.71 6.82 -2.08
C SER A 309 18.85 7.63 -3.04
N ILE A 310 18.11 8.62 -2.52
CA ILE A 310 17.31 9.49 -3.39
C ILE A 310 18.22 10.26 -4.34
N TYR A 311 19.32 10.79 -3.81
CA TYR A 311 20.26 11.52 -4.65
C TYR A 311 20.81 10.60 -5.74
N LEU A 312 21.24 9.39 -5.37
CA LEU A 312 21.83 8.51 -6.35
C LEU A 312 20.83 8.08 -7.42
N TYR A 313 19.57 7.84 -7.01
CA TYR A 313 18.57 7.35 -7.96
C TYR A 313 18.23 8.39 -9.02
N GLY A 314 18.27 9.67 -8.67
CA GLY A 314 17.94 10.73 -9.59
C GLY A 314 19.06 11.23 -10.49
N LEU A 315 20.26 10.68 -10.36
CA LEU A 315 21.37 11.16 -11.16
C LEU A 315 21.20 10.74 -12.61
N PRO A 316 21.70 11.53 -13.56
CA PRO A 316 21.56 11.18 -14.98
C PRO A 316 22.25 9.87 -15.30
N ARG A 317 21.56 9.00 -16.02
CA ARG A 317 22.12 7.69 -16.37
C ARG A 317 23.19 7.82 -17.44
N THR A 321 21.31 5.59 -24.56
CA THR A 321 21.31 4.94 -25.87
C THR A 321 20.89 3.49 -25.73
N SER A 322 21.29 2.86 -24.63
CA SER A 322 20.99 1.46 -24.39
C SER A 322 19.55 1.22 -23.89
N ASN A 323 18.73 2.26 -23.77
CA ASN A 323 17.34 2.09 -23.36
C ASN A 323 16.40 2.96 -24.19
N SER A 324 16.64 3.01 -25.51
CA SER A 324 15.79 3.80 -26.39
C SER A 324 14.35 3.28 -26.40
N LEU A 325 14.17 1.95 -26.36
CA LEU A 325 12.82 1.41 -26.34
C LEU A 325 12.09 1.82 -25.07
N GLU A 326 12.82 2.07 -23.98
CA GLU A 326 12.17 2.54 -22.76
C GLU A 326 11.72 3.98 -22.91
N VAL A 327 12.65 4.88 -23.25
CA VAL A 327 12.35 6.29 -23.12
C VAL A 327 11.57 6.84 -24.31
N LEU A 328 11.67 6.24 -25.49
CA LEU A 328 11.00 6.79 -26.66
C LEU A 328 9.52 6.45 -26.70
N PHE A 329 9.07 5.42 -25.99
CA PHE A 329 7.71 4.92 -26.18
C PHE A 329 6.87 4.85 -24.93
N GLN A 330 7.41 5.17 -23.75
CA GLN A 330 6.58 5.19 -22.56
C GLN A 330 7.06 6.32 -21.65
P 5MC B . 1.79 -1.41 -0.72
OP1 5MC B . 1.82 -2.57 -1.66
OP2 5MC B . 2.37 -0.01 -1.21
OP3 5MC B . 2.41 -1.84 0.69
O5' 5MC B . 0.23 -1.22 -0.43
C5' 5MC B . -0.64 -0.74 -1.43
C4' 5MC B . -2.06 -0.64 -0.92
O4' 5MC B . -2.81 0.20 -1.81
C3' 5MC B . -2.81 -1.96 -0.81
O3' 5MC B . -3.58 -1.99 0.40
C2' 5MC B . -3.73 -1.95 -2.04
O2' 5MC B . -4.94 -2.64 -1.85
C1' 5MC B . -3.98 -0.46 -2.24
N1 5MC B . -4.21 -0.02 -3.62
C2 5MC B . -5.40 0.51 -3.95
O2 5MC B . -6.27 0.53 -3.10
N3 5MC B . -5.63 0.97 -5.17
C4 5MC B . -4.69 0.96 -6.10
N4 5MC B . -4.96 1.43 -7.36
C5 5MC B . -3.41 0.45 -5.78
C6 5MC B . -3.19 -0.03 -4.52
CM5 5MC B . -2.31 0.42 -6.82
C8 OLC C . 22.70 13.88 10.87
C24 OLC C . 19.49 8.38 21.84
C7 OLC C . 23.74 13.67 11.97
C6 OLC C . 23.18 14.21 13.30
C5 OLC C . 23.41 13.21 14.43
C4 OLC C . 22.37 13.37 15.56
C3 OLC C . 21.91 11.99 16.03
C2 OLC C . 20.99 12.11 17.26
C21 OLC C . 19.76 9.32 19.52
C1 OLC C . 20.62 10.75 17.79
C22 OLC C . 19.06 9.48 20.88
O19 OLC C . 20.92 9.74 17.18
O25 OLC C . 19.37 7.10 21.20
O23 OLC C . 19.39 10.74 21.46
O20 OLC C . 19.95 10.64 18.94
C8 OLC D . -10.09 -15.40 -2.58
C24 OLC D . -6.57 -16.59 9.61
C7 OLC D . -8.77 -14.96 -1.91
C6 OLC D . -9.06 -13.82 -0.94
C5 OLC D . -7.99 -13.80 0.17
C4 OLC D . -8.58 -14.28 1.49
C3 OLC D . -7.45 -14.75 2.44
C2 OLC D . -8.10 -15.21 3.75
C21 OLC D . -6.75 -16.24 7.11
C1 OLC D . -7.06 -15.55 4.81
C22 OLC D . -7.39 -15.96 8.48
O19 OLC D . -5.97 -15.96 4.47
O25 OLC D . -7.11 -16.21 10.88
O23 OLC D . -7.48 -14.55 8.72
O20 OLC D . -7.37 -15.38 6.11
C24 OLC E . 11.11 11.59 -3.87
C3 OLC E . 7.91 14.83 1.56
C2 OLC E . 8.99 15.24 0.55
C21 OLC E . 10.10 13.42 -2.53
C1 OLC E . 9.21 14.13 -0.44
C22 OLC E . 11.37 12.57 -2.72
O25 OLC E . 12.28 10.83 -4.18
O20 OLC E . 10.24 14.20 -1.31
C24 OLC F . -7.17 -10.59 -19.22
C5 OLC F . -8.79 -13.82 -10.47
C4 OLC F . -7.84 -14.23 -11.61
C3 OLC F . -8.14 -13.36 -12.84
C2 OLC F . -7.62 -14.05 -14.12
C21 OLC F . -7.85 -12.03 -17.32
C1 OLC F . -8.13 -13.28 -15.33
C22 OLC F . -6.73 -11.74 -18.32
O19 OLC F . -9.31 -13.16 -15.52
O25 OLC F . -8.46 -10.89 -19.74
O23 OLC F . -5.55 -11.40 -17.61
O20 OLC F . -7.26 -12.74 -16.20
C24 OLC G . 19.60 -3.74 12.81
C5 OLC G . 22.56 -1.04 3.74
C4 OLC G . 22.68 -1.02 5.27
C3 OLC G . 21.58 -1.87 5.92
C2 OLC G . 21.84 -1.89 7.44
C21 OLC G . 20.13 -3.70 10.32
C1 OLC G . 20.82 -2.71 8.18
C22 OLC G . 20.70 -3.62 11.75
O19 OLC G . 19.91 -3.26 7.60
O25 OLC G . 20.18 -4.09 14.06
O23 OLC G . 21.68 -4.64 11.96
O20 OLC G . 20.95 -2.80 9.52
C24 OLC H . 15.97 13.68 19.76
C2 OLC H . 20.63 17.00 17.86
C21 OLC H . 18.03 14.58 18.69
C1 OLC H . 19.41 16.17 17.57
C22 OLC H . 17.26 14.44 20.00
O19 OLC H . 19.25 15.71 16.46
O25 OLC H . 16.18 12.31 20.12
O23 OLC H . 18.08 13.72 20.94
O20 OLC H . 18.50 15.95 18.53
C10 OLC I . -18.52 -6.05 -11.65
C9 OLC I . -17.49 -6.86 -11.45
C11 OLC I . -19.23 -5.98 -12.97
C8 OLC I . -16.95 -7.75 -12.53
C24 OLC I . -15.55 -9.84 -23.02
C12 OLC I . -20.73 -5.86 -12.72
C7 OLC I . -15.70 -8.46 -12.02
C13 OLC I . -21.10 -4.45 -12.26
C6 OLC I . -14.70 -8.67 -13.16
C5 OLC I . -15.20 -9.78 -14.10
C4 OLC I . -15.29 -9.28 -15.55
C3 OLC I . -15.28 -10.49 -16.49
C2 OLC I . -15.56 -10.02 -17.92
C21 OLC I . -14.32 -10.60 -20.98
C1 OLC I . -15.24 -11.14 -18.87
C22 OLC I . -14.53 -10.83 -22.47
O19 OLC I . -14.75 -12.15 -18.43
O25 OLC I . -14.85 -8.72 -23.54
O23 OLC I . -13.28 -10.59 -23.13
O20 OLC I . -15.47 -11.03 -20.20
C24 OLC J . 2.30 -23.01 11.43
C7 OLC J . 10.41 -16.59 5.05
C6 OLC J . 9.37 -17.66 4.77
C5 OLC J . 8.85 -18.21 6.10
C4 OLC J . 7.75 -19.25 5.83
C3 OLC J . 7.17 -19.65 7.19
C2 OLC J . 5.97 -20.58 7.05
C21 OLC J . 3.85 -21.66 10.00
C1 OLC J . 5.44 -20.85 8.44
C22 OLC J . 2.66 -22.63 9.99
O19 OLC J . 6.17 -20.67 9.39
O25 OLC J . 0.89 -22.91 11.64
O23 OLC J . 1.55 -21.99 9.35
O20 OLC J . 4.20 -21.30 8.64
C10 OLC K . 5.37 -19.44 1.52
C9 OLC K . 4.44 -19.93 2.32
C11 OLC K . 6.31 -18.35 1.99
C8 OLC K . 4.28 -19.41 3.72
C24 OLC K . -5.94 -20.15 7.77
C12 OLC K . 7.60 -18.38 1.17
C7 OLC K . 3.27 -20.28 4.48
C13 OLC K . 7.39 -17.70 -0.19
C6 OLC K . 2.64 -19.47 5.62
C14 OLC K . 8.73 -17.16 -0.71
C5 OLC K . 1.68 -18.41 5.04
C4 OLC K . 0.27 -18.61 5.59
C3 OLC K . -0.70 -17.65 4.92
C2 OLC K . -1.82 -18.46 4.24
C21 OLC K . -3.53 -19.61 7.37
C1 OLC K . -2.50 -19.36 5.24
C22 OLC K . -4.80 -19.16 8.07
O19 OLC K . -2.26 -20.55 5.23
O25 OLC K . -6.64 -19.75 6.58
O23 OLC K . -4.59 -19.09 9.49
O20 OLC K . -3.38 -18.88 6.13
C24 OLC L . 4.66 -10.72 -19.90
C7 OLC L . 8.35 -11.41 -8.09
C6 OLC L . 8.71 -11.04 -9.53
C5 OLC L . 7.54 -11.37 -10.47
C4 OLC L . 7.97 -11.07 -11.91
C3 OLC L . 6.83 -11.26 -12.90
C2 OLC L . 7.32 -10.81 -14.27
C21 OLC L . 5.31 -10.69 -17.49
C1 OLC L . 6.19 -10.82 -15.27
C22 OLC L . 5.67 -10.17 -18.88
O19 OLC L . 5.08 -11.09 -14.90
O25 OLC L . 3.94 -11.80 -19.32
O23 OLC L . 5.62 -8.74 -18.89
O20 OLC L . 6.43 -10.53 -16.57
C24 OLC M . 0.90 -7.72 -17.74
C5 OLC M . 3.46 -14.47 -12.55
C4 OLC M . 3.82 -14.26 -14.02
C3 OLC M . 2.55 -13.91 -14.80
C2 OLC M . 2.92 -13.09 -16.05
C21 OLC M . 1.96 -9.65 -16.56
C1 OLC M . 1.87 -12.03 -16.32
C22 OLC M . 2.13 -8.63 -17.70
O19 OLC M . 0.77 -12.12 -15.83
O25 OLC M . -0.07 -8.28 -18.63
O23 OLC M . 3.32 -7.87 -17.49
O20 OLC M . 2.18 -10.98 -17.10
C24 OLC N . 16.18 15.14 -6.53
C2 OLC N . 17.11 14.55 -1.60
C21 OLC N . 18.22 15.44 -5.12
C1 OLC N . 17.95 14.84 -2.82
C22 OLC N . 17.70 14.99 -6.49
O19 OLC N . 19.13 15.05 -2.68
O25 OLC N . 15.59 13.92 -6.08
O23 OLC N . 18.27 15.81 -7.51
O20 OLC N . 17.40 14.88 -4.05
C8 OLC O . -21.43 2.73 -9.10
C24 OLC O . -26.15 4.28 -18.26
C7 OLC O . -20.41 1.59 -9.33
C6 OLC O . -20.26 1.31 -10.82
C5 OLC O . -21.01 0.01 -11.19
C4 OLC O . -21.47 0.09 -12.65
C3 OLC O . -22.42 1.27 -12.83
C2 OLC O . -23.04 1.24 -14.23
C21 OLC O . -25.43 3.43 -16.01
C1 OLC O . -24.00 2.38 -14.42
C22 OLC O . -25.29 4.57 -17.02
O25 OLC O . -26.14 5.44 -19.11
O20 OLC O . -24.12 2.97 -15.62
O1 2PE P . 0.50 12.60 -14.47
C2 2PE P . 0.90 12.26 -15.79
C3 2PE P . 1.15 10.76 -15.87
O4 2PE P . -0.11 10.10 -15.76
C5 2PE P . -0.08 8.99 -16.67
C6 2PE P . -1.28 8.09 -16.39
O7 2PE P . -2.32 8.33 -17.33
C8 2PE P . -3.44 7.54 -16.92
C9 2PE P . -4.35 8.37 -16.02
O10 2PE P . -5.05 9.34 -16.79
O1 2PE Q . 0.18 9.60 -27.85
C2 2PE Q . 1.58 9.38 -28.05
C3 2PE Q . 1.97 7.94 -27.67
O4 2PE Q . 1.34 7.58 -26.43
C5 2PE Q . 2.21 6.72 -25.69
C6 2PE Q . 2.86 7.48 -24.53
O7 2PE Q . 2.65 6.83 -23.27
C8 2PE Q . 2.50 7.87 -22.29
C9 2PE Q . 1.42 7.48 -21.28
O10 2PE Q . 0.12 7.75 -21.81
#